data_4XTV
#
_entry.id   4XTV
#
_cell.length_a   63.896
_cell.length_b   68.937
_cell.length_c   115.713
_cell.angle_alpha   90.0
_cell.angle_beta   90.0
_cell.angle_gamma   90.0
#
_symmetry.space_group_name_H-M   'P 21 21 21'
#
loop_
_entity.id
_entity.type
_entity.pdbx_description
1 polymer 'Bifunctional ligase/repressor BirA'
2 non-polymer N-({[(1R,3S)-3-(6-amino-9H-purin-9-yl)cyclopentyl]methyl}sulfamoyl)-5-[(3aS,4S,6aR)-2-oxohexahydro-1H-thieno[3,4-d]imidazol-4-yl]pentanamide
3 water water
#
_entity_poly.entity_id   1
_entity_poly.type   'polypeptide(L)'
_entity_poly.pdbx_seq_one_letter_code
;GSHMVTDRDRLRPPLDERSLRDQLIGAGSGWRQLDVVAQTGSTNADLLARAASGADIDGVVLIAEHQTAGRGRHGRGWAA
TARAQIILSVGVRVVDVPVQAWGWLSLAAGLAVLDSVAPLIAVPPAETGLKWPNDVLARGGKLAGILAEVAQPFVVLGVG
LNVTQAPEEVDPDATSLLDLGVAAPDRNRIASRLLRELEARIIQWRNANPQLAADYRARSLTIGSRVRVELPGGQDVVGI
ARDIDDQGRLCLDVGGRTVVVSAGDVVHLR
;
_entity_poly.pdbx_strand_id   A,B
#
# COMPACT_ATOMS: atom_id res chain seq x y z
N THR A 6 20.37 12.63 40.93
CA THR A 6 19.98 11.29 41.34
C THR A 6 21.21 10.39 41.51
N ASP A 7 20.97 9.12 41.83
CA ASP A 7 22.06 8.18 42.06
C ASP A 7 22.65 7.67 40.75
N ARG A 8 21.89 7.84 39.67
CA ARG A 8 22.34 7.37 38.36
C ARG A 8 23.43 8.26 37.76
N ASP A 9 23.65 9.41 38.37
CA ASP A 9 24.67 10.35 37.91
C ASP A 9 26.05 9.73 37.94
N ARG A 10 26.27 8.85 38.93
CA ARG A 10 27.55 8.17 39.08
CA ARG A 10 27.55 8.17 39.08
C ARG A 10 27.76 7.14 37.98
N LEU A 11 26.69 6.81 37.26
CA LEU A 11 26.76 5.85 36.18
C LEU A 11 26.79 6.55 34.84
N ARG A 12 27.01 7.86 34.86
CA ARG A 12 26.98 8.65 33.63
C ARG A 12 28.24 9.48 33.39
N PRO A 13 29.39 8.82 33.17
CA PRO A 13 30.60 9.57 32.82
C PRO A 13 30.49 10.14 31.41
N PRO A 14 31.28 11.18 31.08
CA PRO A 14 31.17 11.80 29.77
C PRO A 14 31.74 10.94 28.64
N LEU A 15 31.38 11.27 27.41
CA LEU A 15 31.94 10.59 26.25
C LEU A 15 33.38 11.03 26.03
N ASP A 16 34.15 10.17 25.38
CA ASP A 16 35.52 10.48 25.01
C ASP A 16 35.57 10.74 23.51
N GLU A 17 35.54 12.03 23.13
CA GLU A 17 35.51 12.41 21.73
C GLU A 17 36.76 11.96 20.97
N ARG A 18 37.91 12.13 21.59
CA ARG A 18 39.18 11.78 20.97
C ARG A 18 39.24 10.28 20.64
N SER A 19 38.81 9.46 21.59
CA SER A 19 38.83 8.01 21.42
C SER A 19 37.88 7.58 20.30
N LEU A 20 36.71 8.20 20.24
CA LEU A 20 35.72 7.90 19.22
C LEU A 20 36.24 8.24 17.82
N ARG A 21 36.89 9.38 17.71
CA ARG A 21 37.49 9.80 16.44
C ARG A 21 38.58 8.84 15.98
N ASP A 22 39.41 8.41 16.91
CA ASP A 22 40.52 7.50 16.59
C ASP A 22 40.02 6.12 16.15
N GLN A 23 38.88 5.71 16.71
CA GLN A 23 38.30 4.41 16.36
C GLN A 23 37.53 4.45 15.04
N LEU A 24 36.85 5.57 14.79
CA LEU A 24 35.83 5.61 13.74
C LEU A 24 36.22 6.41 12.50
N ILE A 25 37.30 7.17 12.56
CA ILE A 25 37.76 7.93 11.40
C ILE A 25 39.14 7.46 10.94
N GLY A 26 39.21 7.01 9.69
CA GLY A 26 40.45 6.51 9.14
C GLY A 26 40.19 5.41 8.13
N ALA A 27 41.26 4.77 7.66
CA ALA A 27 41.15 3.71 6.69
C ALA A 27 40.23 2.58 7.17
N GLY A 28 39.36 2.13 6.29
CA GLY A 28 38.42 1.07 6.61
C GLY A 28 37.08 1.59 7.12
N SER A 29 37.01 2.89 7.37
CA SER A 29 35.78 3.50 7.86
C SER A 29 35.29 4.62 6.95
N GLY A 30 33.97 4.76 6.86
CA GLY A 30 33.37 5.74 5.97
C GLY A 30 32.99 7.03 6.65
N TRP A 31 33.17 7.09 7.98
CA TRP A 31 32.87 8.31 8.72
C TRP A 31 33.97 9.35 8.49
N ARG A 32 33.56 10.55 8.13
CA ARG A 32 34.51 11.60 7.78
CA ARG A 32 34.49 11.63 7.77
C ARG A 32 34.76 12.60 8.91
N GLN A 33 33.75 12.81 9.76
CA GLN A 33 33.85 13.79 10.81
C GLN A 33 33.01 13.36 12.01
N LEU A 34 33.51 13.60 13.21
CA LEU A 34 32.78 13.30 14.43
C LEU A 34 33.01 14.38 15.47
N ASP A 35 31.92 14.93 15.99
CA ASP A 35 32.00 15.92 17.06
C ASP A 35 31.07 15.56 18.20
N VAL A 36 31.55 15.76 19.41
CA VAL A 36 30.71 15.67 20.60
C VAL A 36 30.51 17.07 21.16
N VAL A 37 29.25 17.47 21.30
CA VAL A 37 28.93 18.77 21.89
C VAL A 37 28.29 18.58 23.26
N ALA A 38 28.54 19.52 24.15
CA ALA A 38 27.99 19.45 25.50
C ALA A 38 26.46 19.45 25.47
N GLN A 39 25.89 20.37 24.70
CA GLN A 39 24.46 20.34 24.43
C GLN A 39 24.04 21.16 23.21
N THR A 40 22.82 20.88 22.74
CA THR A 40 22.23 21.59 21.62
C THR A 40 20.72 21.41 21.67
N GLY A 41 20.00 22.12 20.81
CA GLY A 41 18.55 21.99 20.75
C GLY A 41 18.17 20.65 20.14
N SER A 42 18.74 20.36 18.97
CA SER A 42 18.45 19.13 18.26
C SER A 42 19.58 18.81 17.29
N THR A 43 20.18 17.64 17.43
CA THR A 43 21.29 17.24 16.56
C THR A 43 20.83 17.10 15.11
N ASN A 44 19.59 16.66 14.93
CA ASN A 44 19.01 16.56 13.60
C ASN A 44 18.92 17.95 12.95
N ALA A 45 18.41 18.91 13.71
CA ALA A 45 18.28 20.28 13.22
C ALA A 45 19.64 20.87 12.88
N ASP A 46 20.64 20.55 13.70
CA ASP A 46 21.99 21.08 13.51
C ASP A 46 22.62 20.61 12.21
N LEU A 47 22.52 19.32 11.92
CA LEU A 47 23.07 18.76 10.67
C LEU A 47 22.29 19.24 9.45
N LEU A 48 20.98 19.40 9.60
CA LEU A 48 20.15 19.94 8.53
C LEU A 48 20.55 21.38 8.23
N ALA A 49 20.87 22.12 9.28
CA ALA A 49 21.29 23.52 9.14
C ALA A 49 22.64 23.63 8.44
N ARG A 50 23.55 22.70 8.75
CA ARG A 50 24.85 22.66 8.10
C ARG A 50 24.67 22.43 6.60
N ALA A 51 23.84 21.47 6.25
CA ALA A 51 23.55 21.15 4.86
C ALA A 51 22.88 22.33 4.15
N ALA A 52 22.02 23.04 4.88
CA ALA A 52 21.29 24.17 4.31
C ALA A 52 22.20 25.36 4.00
N SER A 53 23.37 25.40 4.63
CA SER A 53 24.34 26.45 4.37
C SER A 53 25.50 25.97 3.49
N GLY A 54 25.34 24.78 2.90
CA GLY A 54 26.26 24.31 1.88
C GLY A 54 27.22 23.20 2.26
N ALA A 55 27.14 22.72 3.49
CA ALA A 55 28.07 21.69 3.95
C ALA A 55 27.78 20.31 3.34
N ASP A 56 28.84 19.58 3.03
CA ASP A 56 28.72 18.18 2.65
C ASP A 56 28.69 17.36 3.93
N ILE A 57 27.51 16.86 4.29
CA ILE A 57 27.34 16.16 5.56
C ILE A 57 27.34 14.64 5.43
N ASP A 58 27.66 14.13 4.26
CA ASP A 58 27.77 12.68 4.09
C ASP A 58 28.87 12.13 4.97
N GLY A 59 28.52 11.16 5.82
CA GLY A 59 29.49 10.56 6.71
C GLY A 59 29.88 11.43 7.88
N VAL A 60 29.08 12.46 8.15
CA VAL A 60 29.36 13.35 9.28
C VAL A 60 28.54 12.94 10.50
N VAL A 61 29.20 12.87 11.65
CA VAL A 61 28.57 12.44 12.89
C VAL A 61 28.53 13.55 13.92
N LEU A 62 27.36 13.81 14.48
CA LEU A 62 27.21 14.77 15.57
C LEU A 62 26.57 14.09 16.78
N ILE A 63 27.28 14.12 17.91
CA ILE A 63 26.77 13.53 19.13
C ILE A 63 26.63 14.61 20.21
N ALA A 64 25.51 14.59 20.93
CA ALA A 64 25.27 15.56 21.99
C ALA A 64 25.11 14.87 23.34
N GLU A 65 25.82 15.37 24.35
CA GLU A 65 25.69 14.85 25.70
C GLU A 65 24.30 15.16 26.26
N HIS A 66 23.76 16.31 25.87
CA HIS A 66 22.44 16.73 26.29
C HIS A 66 21.72 17.40 25.11
N GLN A 67 20.39 17.25 25.08
CA GLN A 67 19.58 17.79 24.00
C GLN A 67 18.30 18.40 24.58
N THR A 68 18.12 19.69 24.36
CA THR A 68 17.09 20.46 25.08
C THR A 68 15.79 20.71 24.32
N ALA A 69 15.81 20.50 23.01
CA ALA A 69 14.63 20.69 22.19
C ALA A 69 14.51 19.58 21.15
N GLY A 70 14.59 18.34 21.62
CA GLY A 70 14.59 17.18 20.74
C GLY A 70 13.35 17.03 19.89
N ARG A 71 13.53 16.46 18.70
CA ARG A 71 12.44 16.23 17.78
C ARG A 71 12.07 14.76 17.70
N GLY A 72 10.77 14.49 17.68
CA GLY A 72 10.27 13.17 17.37
C GLY A 72 9.57 13.22 16.03
N ARG A 73 8.99 12.09 15.61
CA ARG A 73 8.22 12.06 14.37
C ARG A 73 6.95 12.90 14.50
N HIS A 74 6.46 13.36 13.35
CA HIS A 74 5.16 14.02 13.26
C HIS A 74 4.97 15.18 14.23
N GLY A 75 6.00 16.00 14.37
CA GLY A 75 5.92 17.21 15.19
C GLY A 75 5.97 16.96 16.68
N ARG A 76 6.23 15.72 17.08
CA ARG A 76 6.35 15.40 18.50
C ARG A 76 7.76 15.70 19.00
N GLY A 77 8.00 15.48 20.29
CA GLY A 77 9.28 15.81 20.88
C GLY A 77 10.12 14.62 21.27
N TRP A 78 11.29 14.89 21.82
CA TRP A 78 12.13 13.86 22.40
C TRP A 78 12.77 14.43 23.66
N ALA A 79 12.61 13.73 24.77
CA ALA A 79 13.12 14.21 26.05
C ALA A 79 14.43 13.54 26.44
N ALA A 80 15.27 14.26 27.17
CA ALA A 80 16.57 13.75 27.59
C ALA A 80 17.10 14.52 28.79
N THR A 81 17.96 13.86 29.56
CA THR A 81 18.79 14.54 30.55
C THR A 81 20.24 14.25 30.20
N ALA A 82 21.16 15.09 30.69
CA ALA A 82 22.56 15.02 30.31
C ALA A 82 23.21 13.66 30.58
N ARG A 83 23.90 13.15 29.57
CA ARG A 83 24.72 11.94 29.68
C ARG A 83 23.95 10.65 29.92
N ALA A 84 22.63 10.70 29.80
CA ALA A 84 21.79 9.53 30.06
C ALA A 84 21.52 8.74 28.79
N GLN A 85 21.74 9.37 27.65
CA GLN A 85 21.48 8.72 26.36
C GLN A 85 22.68 8.80 25.45
N ILE A 86 22.64 8.02 24.38
CA ILE A 86 23.44 8.30 23.20
C ILE A 86 22.52 9.04 22.24
N ILE A 87 22.84 10.32 22.02
CA ILE A 87 22.04 11.20 21.19
C ILE A 87 22.89 11.61 20.00
N LEU A 88 22.56 11.11 18.81
CA LEU A 88 23.36 11.44 17.64
C LEU A 88 22.58 11.57 16.35
N SER A 89 23.20 12.26 15.40
CA SER A 89 22.70 12.35 14.04
C SER A 89 23.84 12.10 13.07
N VAL A 90 23.53 11.47 11.94
CA VAL A 90 24.51 11.29 10.89
C VAL A 90 23.94 11.74 9.55
N GLY A 91 24.82 12.16 8.65
CA GLY A 91 24.40 12.57 7.33
C GLY A 91 24.61 11.45 6.33
N VAL A 92 23.64 11.27 5.45
CA VAL A 92 23.72 10.24 4.42
C VAL A 92 23.32 10.79 3.06
N ARG A 93 24.24 10.73 2.10
CA ARG A 93 23.90 11.11 0.73
C ARG A 93 23.01 10.03 0.13
N VAL A 94 21.87 10.44 -0.40
CA VAL A 94 20.85 9.49 -0.84
C VAL A 94 20.43 9.67 -2.31
N VAL A 95 20.91 10.74 -2.94
CA VAL A 95 20.47 11.10 -4.29
C VAL A 95 20.79 10.03 -5.34
N ASP A 96 21.76 9.17 -5.04
CA ASP A 96 22.19 8.11 -5.95
CA ASP A 96 22.16 8.13 -5.98
C ASP A 96 21.30 6.89 -5.88
N VAL A 97 20.38 6.88 -4.92
CA VAL A 97 19.48 5.76 -4.69
C VAL A 97 18.06 6.19 -5.06
N PRO A 98 17.30 5.31 -5.74
CA PRO A 98 15.91 5.61 -6.11
C PRO A 98 15.09 6.09 -4.91
N VAL A 99 14.35 7.17 -5.10
CA VAL A 99 13.61 7.84 -4.03
C VAL A 99 12.65 6.90 -3.30
N GLN A 100 12.08 5.95 -4.03
CA GLN A 100 11.12 5.01 -3.45
C GLN A 100 11.75 4.07 -2.42
N ALA A 101 13.07 4.01 -2.38
CA ALA A 101 13.78 3.11 -1.48
C ALA A 101 14.28 3.81 -0.22
N TRP A 102 14.11 5.12 -0.15
CA TRP A 102 14.62 5.92 0.96
C TRP A 102 13.98 5.53 2.30
N GLY A 103 12.77 4.99 2.26
CA GLY A 103 12.06 4.62 3.46
C GLY A 103 12.73 3.49 4.22
N TRP A 104 13.61 2.76 3.54
CA TRP A 104 14.32 1.63 4.16
C TRP A 104 15.54 2.05 4.96
N LEU A 105 16.04 3.26 4.70
CA LEU A 105 17.19 3.80 5.42
C LEU A 105 16.83 3.93 6.90
N SER A 106 15.58 4.32 7.14
CA SER A 106 15.08 4.50 8.50
CA SER A 106 15.07 4.49 8.49
C SER A 106 14.98 3.17 9.24
N LEU A 107 14.51 2.13 8.55
CA LEU A 107 14.38 0.81 9.13
C LEU A 107 15.76 0.22 9.41
N ALA A 108 16.70 0.51 8.52
CA ALA A 108 18.06 0.02 8.65
C ALA A 108 18.72 0.56 9.92
N ALA A 109 18.43 1.82 10.23
CA ALA A 109 19.02 2.49 11.39
C ALA A 109 18.57 1.83 12.70
N GLY A 110 17.28 1.49 12.79
CA GLY A 110 16.76 0.82 13.96
C GLY A 110 17.41 -0.53 14.16
N LEU A 111 17.59 -1.26 13.06
CA LEU A 111 18.25 -2.56 13.08
C LEU A 111 19.68 -2.44 13.61
N ALA A 112 20.38 -1.40 13.17
CA ALA A 112 21.75 -1.16 13.59
C ALA A 112 21.83 -0.88 15.08
N VAL A 113 20.91 -0.05 15.58
CA VAL A 113 20.86 0.27 17.01
C VAL A 113 20.61 -0.98 17.84
N LEU A 114 19.65 -1.79 17.42
CA LEU A 114 19.32 -3.02 18.14
C LEU A 114 20.50 -3.98 18.22
N ASP A 115 21.15 -4.20 17.08
CA ASP A 115 22.28 -5.13 17.02
C ASP A 115 23.46 -4.64 17.86
N SER A 116 23.56 -3.33 18.04
CA SER A 116 24.68 -2.75 18.79
C SER A 116 24.56 -2.96 20.29
N VAL A 117 23.34 -3.19 20.77
CA VAL A 117 23.12 -3.30 22.22
C VAL A 117 22.61 -4.67 22.68
N ALA A 118 22.07 -5.45 21.74
CA ALA A 118 21.52 -6.77 22.07
C ALA A 118 22.43 -7.69 22.90
N PRO A 119 23.73 -7.77 22.59
CA PRO A 119 24.58 -8.68 23.38
C PRO A 119 24.91 -8.21 24.80
N LEU A 120 24.52 -6.99 25.17
CA LEU A 120 24.83 -6.48 26.51
C LEU A 120 23.89 -7.06 27.57
N ILE A 121 22.69 -7.44 27.14
CA ILE A 121 21.70 -8.02 28.01
C ILE A 121 22.03 -9.49 28.30
N ALA A 122 21.85 -9.91 29.55
CA ALA A 122 22.09 -11.29 29.94
C ALA A 122 21.07 -12.22 29.29
N VAL A 123 19.80 -11.97 29.58
CA VAL A 123 18.72 -12.73 28.97
C VAL A 123 17.66 -11.79 28.42
N PRO A 124 17.46 -11.81 27.09
CA PRO A 124 16.48 -10.94 26.44
C PRO A 124 15.06 -11.27 26.88
N PRO A 125 14.38 -10.32 27.52
CA PRO A 125 12.98 -10.55 27.90
C PRO A 125 12.08 -10.53 26.67
N ALA A 126 10.80 -10.88 26.86
CA ALA A 126 9.85 -10.88 25.75
C ALA A 126 9.65 -9.46 25.22
N GLU A 127 9.20 -9.38 23.97
CA GLU A 127 8.95 -8.10 23.31
C GLU A 127 10.23 -7.27 23.20
N THR A 128 11.28 -7.90 22.68
CA THR A 128 12.52 -7.20 22.39
C THR A 128 12.85 -7.31 20.91
N GLY A 129 12.89 -6.17 20.23
CA GLY A 129 13.13 -6.16 18.80
C GLY A 129 12.70 -4.84 18.18
N LEU A 130 12.22 -4.89 16.95
CA LEU A 130 11.88 -3.68 16.22
C LEU A 130 10.38 -3.51 16.00
N LYS A 131 9.86 -2.34 16.37
CA LYS A 131 8.49 -1.98 16.04
C LYS A 131 8.51 -0.97 14.89
N TRP A 132 7.76 -1.28 13.84
CA TRP A 132 7.66 -0.40 12.69
C TRP A 132 7.04 0.94 13.11
N PRO A 133 7.57 2.06 12.60
CA PRO A 133 8.65 2.15 11.62
C PRO A 133 10.00 2.56 12.18
N ASN A 134 10.10 2.92 13.46
CA ASN A 134 11.28 3.53 14.02
CA ASN A 134 11.40 3.31 13.99
C ASN A 134 11.56 3.22 15.50
N ASP A 135 11.04 2.13 16.03
CA ASP A 135 11.20 1.87 17.46
C ASP A 135 12.06 0.65 17.75
N VAL A 136 12.98 0.80 18.70
CA VAL A 136 13.65 -0.35 19.26
C VAL A 136 13.00 -0.62 20.62
N LEU A 137 12.39 -1.79 20.75
CA LEU A 137 11.70 -2.16 21.98
C LEU A 137 12.47 -3.22 22.75
N ALA A 138 12.31 -3.19 24.07
CA ALA A 138 12.83 -4.24 24.93
C ALA A 138 11.93 -4.31 26.16
N ARG A 139 11.44 -5.52 26.44
CA ARG A 139 10.50 -5.74 27.54
CA ARG A 139 10.47 -5.77 27.51
C ARG A 139 9.26 -4.86 27.36
N GLY A 140 8.90 -4.57 26.11
CA GLY A 140 7.74 -3.75 25.82
C GLY A 140 7.99 -2.26 25.89
N GLY A 141 9.15 -1.87 26.40
CA GLY A 141 9.47 -0.46 26.57
C GLY A 141 10.26 0.10 25.41
N LYS A 142 10.14 1.40 25.17
CA LYS A 142 10.85 2.05 24.08
C LYS A 142 12.28 2.39 24.47
N LEU A 143 13.21 1.60 23.94
CA LEU A 143 14.63 1.73 24.26
C LEU A 143 15.30 2.79 23.40
N ALA A 144 14.84 2.93 22.16
CA ALA A 144 15.42 3.90 21.23
C ALA A 144 14.40 4.36 20.20
N GLY A 145 14.54 5.61 19.79
CA GLY A 145 13.70 6.19 18.74
C GLY A 145 14.57 6.73 17.62
N ILE A 146 14.10 6.56 16.39
CA ILE A 146 14.86 7.00 15.22
C ILE A 146 14.06 8.00 14.40
N LEU A 147 14.72 9.06 13.95
CA LEU A 147 14.07 10.07 13.13
C LEU A 147 14.88 10.37 11.88
N ALA A 148 14.25 10.18 10.72
CA ALA A 148 14.89 10.48 9.44
C ALA A 148 14.26 11.72 8.82
N GLU A 149 15.10 12.67 8.41
CA GLU A 149 14.60 13.89 7.79
C GLU A 149 15.32 14.16 6.48
N VAL A 150 14.52 14.49 5.45
CA VAL A 150 15.04 14.65 4.09
C VAL A 150 15.47 16.07 3.79
N ALA A 151 16.69 16.19 3.28
CA ALA A 151 17.20 17.46 2.78
C ALA A 151 18.12 17.18 1.60
N GLN A 152 17.50 16.78 0.49
CA GLN A 152 18.19 16.41 -0.75
C GLN A 152 19.40 17.30 -1.02
N PRO A 153 20.55 16.70 -1.35
CA PRO A 153 20.77 15.28 -1.62
C PRO A 153 20.99 14.41 -0.38
N PHE A 154 20.67 14.91 0.80
CA PHE A 154 20.94 14.14 2.03
C PHE A 154 19.69 13.69 2.77
N VAL A 155 19.86 12.66 3.59
CA VAL A 155 18.94 12.34 4.67
C VAL A 155 19.72 12.46 5.96
N VAL A 156 19.14 13.11 6.96
CA VAL A 156 19.74 13.15 8.28
C VAL A 156 19.07 12.12 9.19
N LEU A 157 19.85 11.16 9.66
CA LEU A 157 19.34 10.10 10.52
C LEU A 157 19.64 10.40 11.99
N GLY A 158 18.61 10.45 12.81
CA GLY A 158 18.76 10.74 14.23
C GLY A 158 18.46 9.54 15.11
N VAL A 159 19.28 9.33 16.12
CA VAL A 159 19.08 8.25 17.07
C VAL A 159 19.09 8.75 18.51
N GLY A 160 18.03 8.44 19.25
CA GLY A 160 18.00 8.65 20.69
C GLY A 160 17.94 7.30 21.38
N LEU A 161 19.03 6.91 22.03
CA LEU A 161 19.12 5.61 22.68
C LEU A 161 19.25 5.76 24.19
N ASN A 162 18.27 5.23 24.93
CA ASN A 162 18.28 5.32 26.39
C ASN A 162 19.28 4.35 27.00
N VAL A 163 20.34 4.89 27.56
CA VAL A 163 21.39 4.07 28.17
C VAL A 163 21.16 3.92 29.67
N THR A 164 21.10 5.03 30.39
CA THR A 164 20.78 5.01 31.82
C THR A 164 19.57 5.89 32.12
N GLN A 165 18.93 6.38 31.06
CA GLN A 165 17.79 7.28 31.20
C GLN A 165 16.62 6.58 31.90
N ALA A 166 16.18 7.14 33.01
CA ALA A 166 15.03 6.61 33.74
C ALA A 166 13.75 7.05 33.05
N PRO A 167 12.78 6.13 32.93
CA PRO A 167 11.48 6.43 32.30
C PRO A 167 10.76 7.60 32.96
N GLU A 168 10.94 7.79 34.26
CA GLU A 168 10.29 8.89 34.98
CA GLU A 168 10.28 8.88 34.97
C GLU A 168 10.84 10.22 34.51
N GLU A 169 12.00 10.19 33.88
CA GLU A 169 12.65 11.40 33.40
C GLU A 169 12.17 11.82 32.01
N VAL A 170 11.62 10.88 31.24
CA VAL A 170 11.33 11.15 29.84
C VAL A 170 9.93 10.76 29.33
N ASP A 171 9.46 9.56 29.66
CA ASP A 171 8.19 9.04 29.15
C ASP A 171 7.84 7.72 29.85
N PRO A 172 6.57 7.53 30.21
CA PRO A 172 6.16 6.33 30.95
C PRO A 172 6.33 5.02 30.17
N ASP A 173 6.42 5.08 28.86
CA ASP A 173 6.54 3.89 28.04
C ASP A 173 7.98 3.59 27.64
N ALA A 174 8.91 4.36 28.19
CA ALA A 174 10.32 4.21 27.86
C ALA A 174 10.99 3.13 28.70
N THR A 175 12.16 2.69 28.24
CA THR A 175 13.04 1.86 29.05
C THR A 175 14.48 2.22 28.69
N SER A 176 15.43 1.63 29.39
CA SER A 176 16.85 1.90 29.14
C SER A 176 17.64 0.62 29.36
N LEU A 177 18.90 0.64 28.93
CA LEU A 177 19.79 -0.51 29.14
C LEU A 177 19.93 -0.84 30.62
N LEU A 178 20.06 0.21 31.44
CA LEU A 178 20.17 0.05 32.89
C LEU A 178 18.91 -0.59 33.46
N ASP A 179 17.75 -0.15 33.01
CA ASP A 179 16.48 -0.71 33.46
C ASP A 179 16.23 -2.11 32.88
N LEU A 180 17.09 -2.52 31.95
CA LEU A 180 17.03 -3.86 31.40
C LEU A 180 18.09 -4.75 32.04
N GLY A 181 18.75 -4.24 33.08
CA GLY A 181 19.66 -5.05 33.86
C GLY A 181 21.14 -4.88 33.52
N VAL A 182 21.45 -3.99 32.59
CA VAL A 182 22.83 -3.67 32.29
C VAL A 182 23.33 -2.67 33.34
N ALA A 183 24.07 -3.19 34.32
CA ALA A 183 24.42 -2.42 35.52
C ALA A 183 25.32 -1.22 35.29
N ALA A 184 26.31 -1.37 34.41
CA ALA A 184 27.25 -0.27 34.15
C ALA A 184 27.55 -0.16 32.65
N PRO A 185 26.58 0.31 31.87
CA PRO A 185 26.80 0.43 30.43
C PRO A 185 27.84 1.48 30.08
N ASP A 186 28.68 1.16 29.09
CA ASP A 186 29.75 2.05 28.65
C ASP A 186 29.33 2.71 27.34
N ARG A 187 28.98 3.99 27.42
CA ARG A 187 28.48 4.71 26.25
C ARG A 187 29.51 4.85 25.14
N ASN A 188 30.79 4.90 25.51
CA ASN A 188 31.86 4.96 24.52
C ASN A 188 31.92 3.70 23.67
N ARG A 189 31.86 2.54 24.32
CA ARG A 189 31.85 1.27 23.62
C ARG A 189 30.59 1.10 22.79
N ILE A 190 29.45 1.50 23.34
CA ILE A 190 28.16 1.36 22.66
C ILE A 190 28.07 2.28 21.44
N ALA A 191 28.53 3.53 21.58
CA ALA A 191 28.54 4.47 20.47
C ALA A 191 29.36 3.97 19.29
N SER A 192 30.53 3.42 19.59
CA SER A 192 31.41 2.87 18.56
C SER A 192 30.75 1.69 17.86
N ARG A 193 30.17 0.79 18.64
CA ARG A 193 29.48 -0.37 18.07
C ARG A 193 28.29 0.07 17.21
N LEU A 194 27.55 1.06 17.70
CA LEU A 194 26.39 1.57 16.97
C LEU A 194 26.78 2.13 15.60
N LEU A 195 27.80 2.97 15.59
CA LEU A 195 28.23 3.62 14.36
C LEU A 195 28.83 2.66 13.35
N ARG A 196 29.46 1.59 13.83
CA ARG A 196 30.01 0.56 12.96
CA ARG A 196 30.01 0.57 12.95
C ARG A 196 28.89 -0.28 12.34
N GLU A 197 27.88 -0.59 13.14
CA GLU A 197 26.72 -1.32 12.66
C GLU A 197 25.98 -0.46 11.64
N LEU A 198 25.86 0.83 11.94
CA LEU A 198 25.14 1.76 11.08
C LEU A 198 25.79 1.90 9.71
N GLU A 199 27.12 1.99 9.68
CA GLU A 199 27.85 2.08 8.43
CA GLU A 199 27.83 2.08 8.42
C GLU A 199 27.54 0.90 7.51
N ALA A 200 27.59 -0.30 8.09
CA ALA A 200 27.32 -1.53 7.34
C ALA A 200 25.92 -1.55 6.75
N ARG A 201 24.93 -1.17 7.57
CA ARG A 201 23.55 -1.17 7.12
C ARG A 201 23.28 -0.12 6.04
N ILE A 202 23.96 1.02 6.15
CA ILE A 202 23.84 2.08 5.14
C ILE A 202 24.41 1.60 3.81
N ILE A 203 25.54 0.91 3.87
CA ILE A 203 26.16 0.34 2.67
C ILE A 203 25.25 -0.71 2.03
N GLN A 204 24.66 -1.57 2.87
CA GLN A 204 23.71 -2.56 2.39
C GLN A 204 22.51 -1.91 1.71
N TRP A 205 22.00 -0.86 2.34
CA TRP A 205 20.85 -0.13 1.80
C TRP A 205 21.18 0.49 0.45
N ARG A 206 22.35 1.09 0.35
CA ARG A 206 22.79 1.77 -0.86
C ARG A 206 22.95 0.78 -2.03
N ASN A 207 23.26 -0.47 -1.71
CA ASN A 207 23.48 -1.49 -2.73
C ASN A 207 22.32 -2.48 -2.86
N ALA A 208 21.20 -2.16 -2.20
CA ALA A 208 20.00 -2.99 -2.26
C ALA A 208 20.27 -4.46 -1.88
N ASN A 209 21.10 -4.65 -0.87
CA ASN A 209 21.42 -5.99 -0.38
C ASN A 209 20.20 -6.61 0.27
N PRO A 210 19.78 -7.79 -0.22
CA PRO A 210 18.60 -8.49 0.31
C PRO A 210 18.72 -8.82 1.80
N GLN A 211 19.95 -8.87 2.33
CA GLN A 211 20.14 -9.22 3.73
C GLN A 211 19.59 -8.16 4.69
N LEU A 212 19.51 -6.92 4.23
CA LEU A 212 18.94 -5.85 5.04
C LEU A 212 17.50 -6.14 5.40
N ALA A 213 16.69 -6.43 4.39
CA ALA A 213 15.29 -6.75 4.59
C ALA A 213 15.11 -8.04 5.38
N ALA A 214 15.98 -9.01 5.10
CA ALA A 214 15.92 -10.30 5.77
C ALA A 214 16.24 -10.17 7.26
N ASP A 215 17.29 -9.41 7.57
CA ASP A 215 17.68 -9.19 8.95
C ASP A 215 16.64 -8.37 9.71
N TYR A 216 16.02 -7.41 9.04
CA TYR A 216 14.97 -6.61 9.67
C TYR A 216 13.79 -7.50 10.05
N ARG A 217 13.37 -8.35 9.11
CA ARG A 217 12.24 -9.24 9.33
C ARG A 217 12.49 -10.16 10.51
N ALA A 218 13.73 -10.61 10.65
CA ALA A 218 14.10 -11.53 11.72
C ALA A 218 13.97 -10.91 13.11
N ARG A 219 14.01 -9.58 13.18
CA ARG A 219 13.94 -8.88 14.45
CA ARG A 219 13.95 -8.88 14.46
C ARG A 219 12.65 -8.09 14.63
N SER A 220 11.72 -8.27 13.69
CA SER A 220 10.47 -7.53 13.72
C SER A 220 9.51 -8.06 14.78
N LEU A 221 9.03 -7.17 15.64
CA LEU A 221 8.00 -7.51 16.61
C LEU A 221 6.62 -7.23 16.02
N THR A 222 6.59 -6.46 14.94
CA THR A 222 5.34 -6.03 14.33
C THR A 222 4.75 -7.05 13.36
N ILE A 223 5.60 -7.60 12.50
CA ILE A 223 5.14 -8.60 11.52
C ILE A 223 4.57 -9.83 12.22
N GLY A 224 3.33 -10.16 11.88
CA GLY A 224 2.65 -11.30 12.47
C GLY A 224 1.78 -10.95 13.66
N SER A 225 1.83 -9.69 14.07
CA SER A 225 1.07 -9.25 15.24
CA SER A 225 1.08 -9.24 15.23
C SER A 225 -0.22 -8.53 14.87
N ARG A 226 -1.23 -8.68 15.71
CA ARG A 226 -2.44 -7.89 15.58
C ARG A 226 -2.02 -6.48 15.97
N VAL A 227 -2.43 -5.49 15.17
CA VAL A 227 -2.01 -4.12 15.46
C VAL A 227 -3.15 -3.12 15.31
N ARG A 228 -3.05 -2.03 16.05
CA ARG A 228 -3.81 -0.83 15.74
C ARG A 228 -2.83 0.20 15.23
N VAL A 229 -3.08 0.70 14.03
CA VAL A 229 -2.21 1.73 13.45
C VAL A 229 -2.91 3.07 13.43
N GLU A 230 -2.35 4.04 14.13
CA GLU A 230 -2.91 5.38 14.16
C GLU A 230 -2.27 6.20 13.06
N LEU A 231 -3.08 6.52 12.05
CA LEU A 231 -2.60 7.18 10.84
C LEU A 231 -2.45 8.69 11.05
N PRO A 232 -1.61 9.33 10.23
CA PRO A 232 -1.58 10.80 10.23
C PRO A 232 -2.96 11.32 9.89
N GLY A 233 -3.48 12.24 10.70
CA GLY A 233 -4.82 12.75 10.50
C GLY A 233 -5.80 12.26 11.55
N GLY A 234 -5.39 11.24 12.30
CA GLY A 234 -6.15 10.81 13.46
C GLY A 234 -6.93 9.51 13.33
N GLN A 235 -6.98 8.94 12.13
CA GLN A 235 -7.73 7.71 11.91
C GLN A 235 -6.99 6.48 12.42
N ASP A 236 -7.74 5.49 12.89
CA ASP A 236 -7.17 4.22 13.31
C ASP A 236 -7.55 3.11 12.34
N VAL A 237 -6.64 2.19 12.11
CA VAL A 237 -6.95 0.97 11.37
C VAL A 237 -6.44 -0.24 12.14
N VAL A 238 -7.31 -1.21 12.37
CA VAL A 238 -6.94 -2.44 13.06
C VAL A 238 -6.81 -3.58 12.07
N GLY A 239 -5.71 -4.32 12.16
CA GLY A 239 -5.50 -5.48 11.31
C GLY A 239 -4.36 -6.33 11.82
N ILE A 240 -3.80 -7.16 10.94
CA ILE A 240 -2.65 -7.96 11.27
C ILE A 240 -1.51 -7.63 10.31
N ALA A 241 -0.37 -7.21 10.85
CA ALA A 241 0.77 -6.86 10.04
C ALA A 241 1.37 -8.10 9.38
N ARG A 242 1.63 -8.03 8.09
CA ARG A 242 2.09 -9.20 7.34
C ARG A 242 3.49 -9.04 6.73
N ASP A 243 3.82 -7.82 6.30
CA ASP A 243 5.06 -7.60 5.57
C ASP A 243 5.47 -6.14 5.49
N ILE A 244 6.69 -5.91 5.03
CA ILE A 244 7.18 -4.58 4.68
C ILE A 244 7.51 -4.58 3.19
N ASP A 245 6.97 -3.64 2.43
CA ASP A 245 7.23 -3.63 0.99
C ASP A 245 8.58 -2.99 0.65
N ASP A 246 8.88 -2.90 -0.64
CA ASP A 246 10.17 -2.39 -1.09
C ASP A 246 10.35 -0.89 -0.86
N GLN A 247 9.31 -0.22 -0.39
CA GLN A 247 9.39 1.20 -0.08
C GLN A 247 9.48 1.42 1.44
N GLY A 248 9.49 0.32 2.18
CA GLY A 248 9.58 0.40 3.63
C GLY A 248 8.24 0.61 4.29
N ARG A 249 7.17 0.37 3.54
CA ARG A 249 5.82 0.59 4.03
C ARG A 249 5.24 -0.67 4.68
N LEU A 250 4.41 -0.47 5.70
CA LEU A 250 3.83 -1.59 6.44
C LEU A 250 2.59 -2.14 5.74
N CYS A 251 2.58 -3.45 5.48
CA CYS A 251 1.46 -4.09 4.80
C CYS A 251 0.55 -4.79 5.81
N LEU A 252 -0.70 -4.37 5.86
CA LEU A 252 -1.66 -4.89 6.82
C LEU A 252 -2.70 -5.81 6.18
N ASP A 253 -3.07 -6.86 6.89
CA ASP A 253 -4.22 -7.67 6.52
C ASP A 253 -5.42 -7.17 7.31
N VAL A 254 -6.36 -6.55 6.60
CA VAL A 254 -7.59 -6.07 7.22
C VAL A 254 -8.77 -6.86 6.70
N GLY A 255 -9.09 -7.96 7.39
CA GLY A 255 -10.20 -8.82 7.00
C GLY A 255 -10.09 -9.36 5.59
N GLY A 256 -8.86 -9.66 5.17
CA GLY A 256 -8.63 -10.22 3.84
C GLY A 256 -8.24 -9.19 2.81
N ARG A 257 -8.32 -7.91 3.17
CA ARG A 257 -7.90 -6.85 2.28
C ARG A 257 -6.51 -6.39 2.67
N THR A 258 -5.75 -5.88 1.70
CA THR A 258 -4.43 -5.34 1.99
C THR A 258 -4.47 -3.83 2.12
N VAL A 259 -3.99 -3.33 3.24
CA VAL A 259 -3.84 -1.90 3.46
C VAL A 259 -2.38 -1.58 3.70
N VAL A 260 -1.80 -0.77 2.83
CA VAL A 260 -0.39 -0.41 2.92
C VAL A 260 -0.23 0.99 3.51
N VAL A 261 0.57 1.08 4.56
CA VAL A 261 0.72 2.32 5.30
C VAL A 261 2.14 2.88 5.21
N SER A 262 2.26 4.14 4.79
CA SER A 262 3.57 4.76 4.65
CA SER A 262 3.55 4.81 4.64
C SER A 262 4.06 5.36 5.96
N ALA A 263 3.14 5.82 6.80
CA ALA A 263 3.49 6.41 8.09
C ALA A 263 2.38 6.19 9.09
N GLY A 264 2.76 5.99 10.36
CA GLY A 264 1.79 5.80 11.41
C GLY A 264 2.40 5.34 12.72
N ASP A 265 1.58 5.32 13.76
CA ASP A 265 2.00 4.83 15.07
C ASP A 265 1.40 3.45 15.32
N VAL A 266 2.26 2.47 15.54
CA VAL A 266 1.81 1.10 15.73
C VAL A 266 1.67 0.75 17.21
N VAL A 267 0.53 0.14 17.54
CA VAL A 267 0.34 -0.46 18.85
C VAL A 267 0.12 -1.95 18.68
N HIS A 268 0.97 -2.76 19.31
CA HIS A 268 0.82 -4.21 19.26
C HIS A 268 -0.29 -4.65 20.21
N LEU A 269 -1.28 -5.36 19.67
CA LEU A 269 -2.44 -5.78 20.45
C LEU A 269 -2.27 -7.20 20.99
N ASP B 7 -45.23 -2.34 -17.96
CA ASP B 7 -44.28 -3.43 -17.81
C ASP B 7 -43.26 -3.41 -18.95
N ARG B 8 -42.05 -3.88 -18.66
CA ARG B 8 -40.93 -3.74 -19.59
C ARG B 8 -40.65 -4.99 -20.43
N ASP B 9 -41.53 -5.99 -20.33
CA ASP B 9 -41.36 -7.23 -21.08
C ASP B 9 -41.34 -7.00 -22.59
N ARG B 10 -42.14 -6.05 -23.04
CA ARG B 10 -42.22 -5.74 -24.47
C ARG B 10 -40.90 -5.21 -25.01
N LEU B 11 -40.08 -4.64 -24.12
CA LEU B 11 -38.80 -4.08 -24.51
C LEU B 11 -37.67 -5.08 -24.30
N ARG B 12 -38.03 -6.34 -24.06
CA ARG B 12 -37.04 -7.36 -23.78
C ARG B 12 -37.10 -8.58 -24.71
N PRO B 13 -36.82 -8.38 -26.00
CA PRO B 13 -36.70 -9.54 -26.90
C PRO B 13 -35.47 -10.37 -26.55
N PRO B 14 -35.43 -11.64 -26.97
CA PRO B 14 -34.28 -12.48 -26.66
C PRO B 14 -33.05 -12.08 -27.46
N LEU B 15 -31.88 -12.50 -26.99
CA LEU B 15 -30.64 -12.29 -27.75
C LEU B 15 -30.63 -13.22 -28.96
N ASP B 16 -29.97 -12.79 -30.02
CA ASP B 16 -29.82 -13.60 -31.22
C ASP B 16 -28.42 -14.19 -31.24
N GLU B 17 -28.31 -15.43 -30.77
CA GLU B 17 -27.01 -16.11 -30.67
C GLU B 17 -26.33 -16.25 -32.04
N ARG B 18 -27.11 -16.60 -33.06
CA ARG B 18 -26.58 -16.78 -34.40
C ARG B 18 -26.02 -15.48 -34.97
N SER B 19 -26.73 -14.39 -34.75
CA SER B 19 -26.30 -13.09 -35.22
C SER B 19 -24.99 -12.67 -34.56
N LEU B 20 -24.91 -12.86 -33.25
CA LEU B 20 -23.71 -12.51 -32.49
C LEU B 20 -22.50 -13.30 -32.97
N ARG B 21 -22.70 -14.59 -33.24
CA ARG B 21 -21.64 -15.45 -33.76
C ARG B 21 -21.16 -14.98 -35.12
N ASP B 22 -22.11 -14.70 -36.01
CA ASP B 22 -21.79 -14.23 -37.36
C ASP B 22 -20.99 -12.94 -37.34
N GLN B 23 -21.38 -12.03 -36.45
CA GLN B 23 -20.76 -10.71 -36.36
C GLN B 23 -19.37 -10.75 -35.71
N LEU B 24 -19.21 -11.59 -34.70
CA LEU B 24 -18.04 -11.53 -33.82
C LEU B 24 -17.03 -12.65 -33.97
N ILE B 25 -17.51 -13.88 -34.07
CA ILE B 25 -16.67 -15.06 -33.87
C ILE B 25 -15.87 -15.45 -35.12
N GLY B 26 -14.58 -15.16 -35.09
CA GLY B 26 -13.71 -15.39 -36.22
C GLY B 26 -13.87 -14.29 -37.26
N ALA B 27 -14.63 -13.27 -36.91
CA ALA B 27 -15.00 -12.21 -37.85
C ALA B 27 -14.63 -10.82 -37.33
N GLY B 28 -15.60 -10.17 -36.70
CA GLY B 28 -15.42 -8.81 -36.23
C GLY B 28 -14.63 -8.71 -34.94
N SER B 29 -14.19 -9.86 -34.42
CA SER B 29 -13.43 -9.90 -33.18
C SER B 29 -12.54 -11.13 -33.11
N GLY B 30 -11.69 -11.17 -32.09
CA GLY B 30 -10.79 -12.28 -31.89
C GLY B 30 -11.36 -13.34 -30.97
N TRP B 31 -12.59 -13.12 -30.52
CA TRP B 31 -13.30 -14.12 -29.70
C TRP B 31 -13.53 -15.37 -30.55
N ARG B 32 -13.35 -16.54 -29.95
CA ARG B 32 -13.33 -17.78 -30.72
C ARG B 32 -14.50 -18.72 -30.43
N GLN B 33 -15.30 -18.39 -29.42
CA GLN B 33 -16.49 -19.18 -29.10
C GLN B 33 -17.50 -18.32 -28.37
N LEU B 34 -18.78 -18.48 -28.72
CA LEU B 34 -19.84 -17.73 -28.06
C LEU B 34 -21.08 -18.59 -27.88
N ASP B 35 -21.61 -18.62 -26.66
CA ASP B 35 -22.84 -19.34 -26.38
C ASP B 35 -23.78 -18.46 -25.57
N VAL B 36 -25.06 -18.50 -25.93
CA VAL B 36 -26.10 -17.88 -25.14
C VAL B 36 -26.91 -18.96 -24.46
N VAL B 37 -27.02 -18.89 -23.14
CA VAL B 37 -27.86 -19.82 -22.40
C VAL B 37 -29.08 -19.09 -21.85
N ALA B 38 -30.21 -19.79 -21.79
CA ALA B 38 -31.45 -19.19 -21.32
C ALA B 38 -31.36 -18.85 -19.83
N GLN B 39 -30.75 -19.75 -19.06
CA GLN B 39 -30.69 -19.58 -17.62
C GLN B 39 -29.53 -20.37 -17.00
N THR B 40 -28.88 -19.76 -16.00
CA THR B 40 -27.82 -20.43 -15.25
C THR B 40 -27.67 -19.76 -13.89
N GLY B 41 -26.89 -20.38 -13.01
CA GLY B 41 -26.66 -19.82 -11.68
C GLY B 41 -25.74 -18.62 -11.73
N SER B 42 -24.59 -18.79 -12.35
CA SER B 42 -23.60 -17.73 -12.50
C SER B 42 -22.70 -18.02 -13.69
N THR B 43 -22.60 -17.08 -14.62
CA THR B 43 -21.77 -17.26 -15.80
C THR B 43 -20.29 -17.34 -15.43
N ASN B 44 -19.90 -16.62 -14.38
CA ASN B 44 -18.54 -16.70 -13.88
C ASN B 44 -18.24 -18.11 -13.36
N ALA B 45 -19.16 -18.64 -12.56
CA ALA B 45 -19.03 -19.99 -12.02
C ALA B 45 -18.93 -21.02 -13.13
N ASP B 46 -19.73 -20.84 -14.19
CA ASP B 46 -19.78 -21.78 -15.30
C ASP B 46 -18.45 -21.86 -16.04
N LEU B 47 -17.88 -20.70 -16.38
CA LEU B 47 -16.59 -20.65 -17.08
C LEU B 47 -15.45 -21.17 -16.21
N LEU B 48 -15.51 -20.85 -14.91
CA LEU B 48 -14.52 -21.34 -13.96
C LEU B 48 -14.54 -22.86 -13.90
N ALA B 49 -15.73 -23.44 -13.96
CA ALA B 49 -15.91 -24.88 -13.93
C ALA B 49 -15.36 -25.54 -15.19
N ARG B 50 -15.50 -24.85 -16.33
CA ARG B 50 -14.96 -25.35 -17.60
C ARG B 50 -13.44 -25.44 -17.52
N ALA B 51 -12.82 -24.40 -17.00
CA ALA B 51 -11.38 -24.34 -16.83
C ALA B 51 -10.91 -25.46 -15.90
N ALA B 52 -11.66 -25.67 -14.82
CA ALA B 52 -11.33 -26.71 -13.85
C ALA B 52 -11.40 -28.10 -14.47
N SER B 53 -12.26 -28.26 -15.46
CA SER B 53 -12.45 -29.55 -16.11
C SER B 53 -11.34 -29.82 -17.13
N GLY B 54 -10.55 -28.80 -17.44
CA GLY B 54 -9.42 -28.96 -18.33
C GLY B 54 -9.60 -28.29 -19.68
N ALA B 55 -10.70 -27.56 -19.84
CA ALA B 55 -10.95 -26.85 -21.10
C ALA B 55 -10.22 -25.52 -21.13
N ASP B 56 -9.67 -25.18 -22.28
CA ASP B 56 -9.03 -23.88 -22.46
C ASP B 56 -10.10 -22.83 -22.77
N ILE B 57 -10.25 -21.87 -21.87
CA ILE B 57 -11.32 -20.89 -22.00
C ILE B 57 -10.87 -19.53 -22.54
N ASP B 58 -9.63 -19.44 -23.01
CA ASP B 58 -9.14 -18.20 -23.59
C ASP B 58 -9.94 -17.85 -24.85
N GLY B 59 -10.53 -16.66 -24.84
CA GLY B 59 -11.30 -16.19 -25.99
C GLY B 59 -12.70 -16.76 -26.05
N VAL B 60 -13.15 -17.37 -24.95
CA VAL B 60 -14.49 -17.95 -24.89
C VAL B 60 -15.49 -17.00 -24.24
N VAL B 61 -16.67 -16.88 -24.85
CA VAL B 61 -17.71 -15.98 -24.35
C VAL B 61 -18.95 -16.75 -23.94
N LEU B 62 -19.46 -16.45 -22.74
CA LEU B 62 -20.71 -17.05 -22.27
C LEU B 62 -21.67 -15.96 -21.84
N ILE B 63 -22.86 -15.96 -22.44
CA ILE B 63 -23.89 -14.98 -22.12
C ILE B 63 -25.15 -15.68 -21.61
N ALA B 64 -25.74 -15.15 -20.54
CA ALA B 64 -26.97 -15.71 -20.01
C ALA B 64 -28.12 -14.72 -20.08
N GLU B 65 -29.27 -15.20 -20.55
CA GLU B 65 -30.47 -14.38 -20.59
C GLU B 65 -30.94 -14.08 -19.16
N HIS B 66 -30.80 -15.08 -18.30
CA HIS B 66 -31.16 -14.92 -16.89
C HIS B 66 -30.12 -15.60 -16.01
N GLN B 67 -29.85 -14.98 -14.87
CA GLN B 67 -28.86 -15.48 -13.92
C GLN B 67 -29.50 -15.52 -12.53
N THR B 68 -29.65 -16.72 -11.98
CA THR B 68 -30.45 -16.92 -10.79
C THR B 68 -29.69 -16.76 -9.47
N ALA B 69 -28.38 -16.98 -9.51
CA ALA B 69 -27.56 -16.88 -8.30
C ALA B 69 -26.25 -16.15 -8.59
N GLY B 70 -26.36 -14.90 -9.03
CA GLY B 70 -25.21 -14.13 -9.47
C GLY B 70 -24.22 -13.84 -8.37
N ARG B 71 -22.96 -13.65 -8.78
CA ARG B 71 -21.87 -13.34 -7.86
C ARG B 71 -21.48 -11.88 -7.92
N GLY B 72 -21.44 -11.23 -6.76
CA GLY B 72 -20.82 -9.93 -6.62
C GLY B 72 -19.45 -10.15 -6.00
N ARG B 73 -18.69 -9.08 -5.83
CA ARG B 73 -17.36 -9.23 -5.24
C ARG B 73 -17.47 -9.43 -3.73
N HIS B 74 -16.47 -10.09 -3.15
CA HIS B 74 -16.37 -10.29 -1.71
C HIS B 74 -17.57 -11.03 -1.13
N GLY B 75 -18.07 -12.03 -1.86
CA GLY B 75 -19.13 -12.89 -1.38
C GLY B 75 -20.53 -12.30 -1.52
N ARG B 76 -20.62 -11.08 -2.03
CA ARG B 76 -21.91 -10.44 -2.26
C ARG B 76 -22.60 -11.07 -3.46
N GLY B 77 -23.82 -10.65 -3.73
CA GLY B 77 -24.59 -11.23 -4.83
C GLY B 77 -24.73 -10.30 -6.03
N TRP B 78 -25.37 -10.82 -7.06
CA TRP B 78 -25.78 -9.99 -8.19
C TRP B 78 -27.17 -10.46 -8.60
N ALA B 79 -28.11 -9.51 -8.65
CA ALA B 79 -29.49 -9.85 -8.95
C ALA B 79 -29.87 -9.49 -10.38
N ALA B 80 -30.82 -10.23 -10.94
CA ALA B 80 -31.26 -10.03 -12.31
C ALA B 80 -32.65 -10.58 -12.54
N THR B 81 -33.33 -10.04 -13.54
CA THR B 81 -34.53 -10.66 -14.07
C THR B 81 -34.26 -10.96 -15.54
N ALA B 82 -34.98 -11.92 -16.10
CA ALA B 82 -34.69 -12.43 -17.44
C ALA B 82 -34.72 -11.37 -18.53
N ARG B 83 -33.68 -11.38 -19.37
CA ARG B 83 -33.59 -10.52 -20.55
CA ARG B 83 -33.57 -10.51 -20.54
C ARG B 83 -33.54 -9.02 -20.23
N ALA B 84 -33.29 -8.68 -18.97
CA ALA B 84 -33.24 -7.28 -18.56
C ALA B 84 -31.81 -6.74 -18.56
N GLN B 85 -30.85 -7.65 -18.61
CA GLN B 85 -29.43 -7.25 -18.59
C GLN B 85 -28.65 -7.91 -19.70
N ILE B 86 -27.45 -7.41 -19.92
CA ILE B 86 -26.43 -8.17 -20.63
C ILE B 86 -25.55 -8.79 -19.56
N ILE B 87 -25.64 -10.11 -19.44
CA ILE B 87 -24.94 -10.86 -18.41
C ILE B 87 -23.94 -11.78 -19.09
N LEU B 88 -22.66 -11.47 -18.98
CA LEU B 88 -21.66 -12.29 -19.66
C LEU B 88 -20.35 -12.49 -18.90
N SER B 89 -19.65 -13.56 -19.26
CA SER B 89 -18.31 -13.82 -18.77
C SER B 89 -17.43 -14.18 -19.95
N VAL B 90 -16.17 -13.75 -19.90
CA VAL B 90 -15.21 -14.10 -20.93
C VAL B 90 -13.97 -14.70 -20.29
N GLY B 91 -13.29 -15.57 -21.02
CA GLY B 91 -12.07 -16.20 -20.55
C GLY B 91 -10.84 -15.51 -21.11
N VAL B 92 -9.86 -15.30 -20.25
CA VAL B 92 -8.64 -14.60 -20.64
C VAL B 92 -7.41 -15.32 -20.10
N ARG B 93 -6.52 -15.76 -20.99
CA ARG B 93 -5.25 -16.32 -20.56
C ARG B 93 -4.33 -15.22 -20.08
N VAL B 94 -3.87 -15.33 -18.82
CA VAL B 94 -3.14 -14.24 -18.20
C VAL B 94 -1.74 -14.65 -17.72
N VAL B 95 -1.41 -15.94 -17.84
CA VAL B 95 -0.17 -16.48 -17.30
C VAL B 95 1.09 -15.81 -17.87
N ASP B 96 0.96 -15.19 -19.04
CA ASP B 96 2.05 -14.54 -19.75
CA ASP B 96 2.12 -14.58 -19.67
C ASP B 96 2.27 -13.11 -19.29
N VAL B 97 1.35 -12.61 -18.48
CA VAL B 97 1.40 -11.25 -17.97
C VAL B 97 1.79 -11.31 -16.50
N PRO B 98 2.70 -10.42 -16.05
CA PRO B 98 3.10 -10.36 -14.64
C PRO B 98 1.90 -10.34 -13.70
N VAL B 99 1.96 -11.16 -12.65
CA VAL B 99 0.83 -11.35 -11.73
C VAL B 99 0.31 -10.04 -11.14
N GLN B 100 1.22 -9.13 -10.81
CA GLN B 100 0.85 -7.87 -10.18
C GLN B 100 -0.06 -6.99 -11.06
N ALA B 101 -0.08 -7.26 -12.36
CA ALA B 101 -0.88 -6.45 -13.28
C ALA B 101 -2.29 -6.99 -13.51
N TRP B 102 -2.56 -8.18 -12.96
CA TRP B 102 -3.85 -8.83 -13.15
C TRP B 102 -5.01 -8.01 -12.58
N GLY B 103 -4.70 -7.19 -11.58
CA GLY B 103 -5.71 -6.37 -10.93
C GLY B 103 -6.26 -5.27 -11.82
N TRP B 104 -5.65 -5.07 -12.98
CA TRP B 104 -6.08 -4.03 -13.91
C TRP B 104 -7.11 -4.53 -14.93
N LEU B 105 -7.32 -5.84 -14.96
CA LEU B 105 -8.27 -6.42 -15.91
C LEU B 105 -9.71 -5.96 -15.65
N SER B 106 -10.14 -5.99 -14.39
CA SER B 106 -11.47 -5.53 -14.04
C SER B 106 -11.67 -4.06 -14.38
N LEU B 107 -10.64 -3.26 -14.12
CA LEU B 107 -10.68 -1.83 -14.42
C LEU B 107 -10.79 -1.59 -15.92
N ALA B 108 -10.07 -2.40 -16.70
CA ALA B 108 -10.13 -2.32 -18.15
C ALA B 108 -11.53 -2.66 -18.67
N ALA B 109 -12.17 -3.64 -18.03
CA ALA B 109 -13.50 -4.06 -18.42
C ALA B 109 -14.54 -2.99 -18.14
N GLY B 110 -14.36 -2.26 -17.04
CA GLY B 110 -15.26 -1.18 -16.71
C GLY B 110 -15.19 -0.08 -17.77
N LEU B 111 -13.99 0.18 -18.25
CA LEU B 111 -13.76 1.17 -19.30
C LEU B 111 -14.45 0.75 -20.59
N ALA B 112 -14.38 -0.55 -20.91
CA ALA B 112 -15.01 -1.09 -22.10
C ALA B 112 -16.53 -0.94 -22.05
N VAL B 113 -17.11 -1.20 -20.87
CA VAL B 113 -18.55 -1.03 -20.67
C VAL B 113 -18.96 0.42 -20.87
N LEU B 114 -18.23 1.33 -20.24
CA LEU B 114 -18.49 2.75 -20.33
C LEU B 114 -18.48 3.21 -21.79
N ASP B 115 -17.47 2.79 -22.54
CA ASP B 115 -17.33 3.18 -23.93
C ASP B 115 -18.42 2.58 -24.82
N SER B 116 -18.92 1.42 -24.44
CA SER B 116 -19.93 0.72 -25.24
CA SER B 116 -19.93 0.71 -25.23
C SER B 116 -21.31 1.38 -25.13
N VAL B 117 -21.57 2.05 -24.01
CA VAL B 117 -22.88 2.66 -23.79
C VAL B 117 -22.90 4.18 -23.84
N ALA B 118 -21.77 4.82 -23.52
CA ALA B 118 -21.68 6.29 -23.48
C ALA B 118 -22.26 7.05 -24.68
N PRO B 119 -22.08 6.52 -25.91
CA PRO B 119 -22.74 7.21 -27.04
C PRO B 119 -24.27 7.10 -27.04
N LEU B 120 -24.83 6.17 -26.26
CA LEU B 120 -26.28 5.98 -26.22
C LEU B 120 -26.96 6.93 -25.25
N ILE B 121 -26.22 7.41 -24.26
CA ILE B 121 -26.80 8.16 -23.15
C ILE B 121 -26.77 9.68 -23.35
N ALA B 122 -27.69 10.36 -22.67
CA ALA B 122 -27.74 11.82 -22.68
C ALA B 122 -27.64 12.34 -21.25
N VAL B 123 -26.70 11.77 -20.50
CA VAL B 123 -26.49 12.17 -19.10
C VAL B 123 -25.29 13.10 -18.78
N PRO B 124 -24.50 13.53 -19.79
CA PRO B 124 -23.51 14.51 -19.33
C PRO B 124 -24.12 15.90 -19.16
N GLU B 127 -22.59 12.68 -13.43
CA GLU B 127 -22.00 11.63 -12.61
C GLU B 127 -21.94 10.32 -13.38
N THR B 128 -21.33 10.37 -14.56
CA THR B 128 -21.17 9.19 -15.40
C THR B 128 -19.70 8.86 -15.59
N GLY B 129 -19.31 7.67 -15.18
CA GLY B 129 -17.93 7.25 -15.27
C GLY B 129 -17.65 6.01 -14.45
N LEU B 130 -16.42 5.88 -13.97
CA LEU B 130 -16.01 4.68 -13.27
C LEU B 130 -15.77 4.91 -11.78
N LYS B 131 -16.36 4.06 -10.95
CA LYS B 131 -16.07 4.07 -9.53
C LYS B 131 -15.25 2.84 -9.15
N TRP B 132 -14.05 3.07 -8.64
CA TRP B 132 -13.15 2.01 -8.24
C TRP B 132 -13.77 1.20 -7.10
N PRO B 133 -13.64 -0.15 -7.15
CA PRO B 133 -12.94 -0.91 -8.18
C PRO B 133 -13.85 -1.70 -9.13
N ASN B 134 -15.16 -1.71 -8.90
CA ASN B 134 -16.04 -2.62 -9.63
C ASN B 134 -17.18 -1.97 -10.41
N ASP B 135 -17.28 -0.65 -10.37
CA ASP B 135 -18.51 0.03 -10.79
C ASP B 135 -18.43 0.86 -12.07
N VAL B 136 -19.50 0.81 -12.85
CA VAL B 136 -19.76 1.81 -13.87
C VAL B 136 -21.00 2.59 -13.44
N LEU B 137 -20.85 3.90 -13.28
CA LEU B 137 -21.95 4.73 -12.80
C LEU B 137 -22.51 5.64 -13.89
N ALA B 138 -23.80 5.93 -13.78
CA ALA B 138 -24.46 6.90 -14.63
C ALA B 138 -25.53 7.62 -13.81
N ARG B 139 -25.42 8.96 -13.76
CA ARG B 139 -26.25 9.78 -12.87
C ARG B 139 -26.25 9.27 -11.44
N GLY B 140 -25.07 8.84 -10.98
CA GLY B 140 -24.91 8.40 -9.60
C GLY B 140 -25.33 6.96 -9.34
N GLY B 141 -26.07 6.37 -10.27
CA GLY B 141 -26.57 5.02 -10.11
C GLY B 141 -25.64 3.97 -10.70
N LYS B 142 -25.68 2.77 -10.14
CA LYS B 142 -24.84 1.69 -10.61
C LYS B 142 -25.41 1.04 -11.88
N LEU B 143 -24.78 1.34 -13.01
CA LEU B 143 -25.24 0.85 -14.30
C LEU B 143 -24.69 -0.53 -14.62
N ALA B 144 -23.49 -0.82 -14.13
CA ALA B 144 -22.86 -2.11 -14.38
C ALA B 144 -21.88 -2.51 -13.27
N GLY B 145 -21.76 -3.81 -13.06
CA GLY B 145 -20.82 -4.36 -12.10
C GLY B 145 -19.84 -5.31 -12.75
N ILE B 146 -18.59 -5.26 -12.32
CA ILE B 146 -17.54 -6.07 -12.93
C ILE B 146 -16.89 -6.99 -11.89
N LEU B 147 -16.67 -8.25 -12.25
CA LEU B 147 -16.03 -9.21 -11.36
C LEU B 147 -15.02 -10.10 -12.07
N ALA B 148 -13.76 -10.00 -11.67
CA ALA B 148 -12.70 -10.83 -12.22
C ALA B 148 -12.30 -11.90 -11.22
N GLU B 149 -12.28 -13.14 -11.68
CA GLU B 149 -11.89 -14.26 -10.81
C GLU B 149 -10.77 -15.09 -11.43
N VAL B 150 -9.79 -15.45 -10.60
CA VAL B 150 -8.61 -16.14 -11.08
C VAL B 150 -8.75 -17.65 -11.07
N ALA B 151 -8.35 -18.27 -12.18
CA ALA B 151 -8.23 -19.72 -12.27
C ALA B 151 -7.10 -20.00 -13.25
N GLN B 152 -5.88 -19.93 -12.74
CA GLN B 152 -4.66 -20.04 -13.55
C GLN B 152 -4.71 -21.23 -14.50
N PRO B 153 -4.31 -21.02 -15.77
CA PRO B 153 -3.67 -19.81 -16.30
C PRO B 153 -4.65 -18.74 -16.75
N PHE B 154 -5.89 -18.78 -16.28
CA PHE B 154 -6.90 -17.84 -16.77
C PHE B 154 -7.43 -16.88 -15.73
N VAL B 155 -8.05 -15.81 -16.22
CA VAL B 155 -8.95 -14.99 -15.43
C VAL B 155 -10.31 -15.07 -16.09
N VAL B 156 -11.35 -15.28 -15.30
CA VAL B 156 -12.71 -15.21 -15.79
C VAL B 156 -13.26 -13.81 -15.49
N LEU B 157 -13.61 -13.08 -16.54
CA LEU B 157 -14.02 -11.69 -16.43
C LEU B 157 -15.52 -11.55 -16.67
N GLY B 158 -16.25 -11.13 -15.64
CA GLY B 158 -17.70 -11.07 -15.72
C GLY B 158 -18.26 -9.67 -15.70
N VAL B 159 -19.27 -9.43 -16.54
CA VAL B 159 -19.93 -8.13 -16.63
C VAL B 159 -21.44 -8.28 -16.50
N GLY B 160 -22.03 -7.50 -15.59
CA GLY B 160 -23.47 -7.40 -15.49
C GLY B 160 -23.90 -5.98 -15.81
N LEU B 161 -24.55 -5.80 -16.96
CA LEU B 161 -24.95 -4.48 -17.42
C LEU B 161 -26.46 -4.32 -17.46
N ASN B 162 -26.98 -3.38 -16.68
CA ASN B 162 -28.42 -3.14 -16.64
C ASN B 162 -28.92 -2.43 -17.90
N VAL B 163 -29.75 -3.12 -18.67
CA VAL B 163 -30.25 -2.57 -19.92
C VAL B 163 -31.66 -2.01 -19.76
N THR B 164 -32.60 -2.86 -19.36
CA THR B 164 -33.96 -2.41 -19.04
C THR B 164 -34.32 -2.77 -17.61
N GLN B 165 -33.32 -3.18 -16.85
CA GLN B 165 -33.51 -3.62 -15.47
C GLN B 165 -33.99 -2.49 -14.58
N ALA B 166 -35.13 -2.71 -13.93
CA ALA B 166 -35.65 -1.76 -12.96
C ALA B 166 -34.90 -1.91 -11.64
N PRO B 167 -34.50 -0.78 -11.04
CA PRO B 167 -33.83 -0.76 -9.74
C PRO B 167 -34.62 -1.50 -8.67
N GLU B 168 -35.95 -1.39 -8.76
CA GLU B 168 -36.85 -2.07 -7.82
C GLU B 168 -36.69 -3.58 -7.92
N GLU B 169 -36.16 -4.05 -9.04
CA GLU B 169 -36.02 -5.49 -9.27
C GLU B 169 -34.71 -6.07 -8.74
N VAL B 170 -33.70 -5.22 -8.56
CA VAL B 170 -32.36 -5.72 -8.24
C VAL B 170 -31.67 -5.07 -7.04
N ASP B 171 -31.67 -3.74 -7.00
CA ASP B 171 -31.01 -2.98 -5.94
C ASP B 171 -31.44 -1.53 -6.08
N PRO B 172 -31.79 -0.88 -4.95
CA PRO B 172 -32.31 0.48 -5.03
C PRO B 172 -31.28 1.55 -5.43
N ASP B 173 -30.01 1.17 -5.55
CA ASP B 173 -28.99 2.11 -6.00
C ASP B 173 -28.63 1.88 -7.47
N ALA B 174 -29.34 0.94 -8.09
CA ALA B 174 -29.09 0.59 -9.49
C ALA B 174 -29.74 1.58 -10.45
N THR B 175 -29.23 1.58 -11.68
CA THR B 175 -29.89 2.28 -12.78
C THR B 175 -29.71 1.44 -14.04
N SER B 176 -30.40 1.81 -15.11
CA SER B 176 -30.30 1.08 -16.37
C SER B 176 -30.35 2.04 -17.54
N LEU B 177 -30.03 1.54 -18.72
CA LEU B 177 -30.06 2.36 -19.93
C LEU B 177 -31.46 2.91 -20.20
N LEU B 178 -32.47 2.07 -19.97
CA LEU B 178 -33.86 2.50 -20.12
C LEU B 178 -34.20 3.63 -19.16
N ASP B 179 -33.77 3.48 -17.91
CA ASP B 179 -34.03 4.50 -16.89
C ASP B 179 -33.22 5.76 -17.14
N LEU B 180 -32.19 5.65 -17.97
CA LEU B 180 -31.35 6.80 -18.30
C LEU B 180 -31.85 7.51 -19.55
N GLY B 181 -32.96 7.03 -20.11
CA GLY B 181 -33.60 7.72 -21.22
C GLY B 181 -33.43 7.06 -22.58
N VAL B 182 -32.68 5.96 -22.63
CA VAL B 182 -32.55 5.20 -23.86
C VAL B 182 -33.87 4.47 -24.12
N ALA B 183 -34.60 4.94 -25.13
CA ALA B 183 -35.98 4.56 -25.36
C ALA B 183 -36.21 3.06 -25.57
N ALA B 184 -35.47 2.47 -26.50
CA ALA B 184 -35.61 1.06 -26.81
C ALA B 184 -34.25 0.42 -27.05
N PRO B 185 -33.55 0.10 -25.97
CA PRO B 185 -32.19 -0.45 -26.08
C PRO B 185 -32.14 -1.76 -26.85
N ASP B 186 -31.19 -1.86 -27.77
CA ASP B 186 -31.01 -3.06 -28.57
C ASP B 186 -29.90 -3.90 -27.93
N ARG B 187 -30.27 -4.93 -27.19
CA ARG B 187 -29.30 -5.74 -26.47
C ARG B 187 -28.30 -6.45 -27.37
N ASN B 188 -28.75 -6.89 -28.54
CA ASN B 188 -27.86 -7.52 -29.50
C ASN B 188 -26.76 -6.58 -29.97
N ARG B 189 -27.15 -5.36 -30.35
CA ARG B 189 -26.20 -4.36 -30.82
CA ARG B 189 -26.20 -4.36 -30.82
C ARG B 189 -25.26 -3.90 -29.71
N ILE B 190 -25.80 -3.75 -28.51
CA ILE B 190 -25.00 -3.31 -27.38
C ILE B 190 -23.99 -4.39 -26.97
N ALA B 191 -24.45 -5.64 -26.95
CA ALA B 191 -23.58 -6.77 -26.62
C ALA B 191 -22.45 -6.94 -27.63
N SER B 192 -22.76 -6.77 -28.90
CA SER B 192 -21.75 -6.89 -29.95
C SER B 192 -20.69 -5.81 -29.79
N ARG B 193 -21.13 -4.59 -29.52
CA ARG B 193 -20.21 -3.48 -29.31
C ARG B 193 -19.38 -3.69 -28.05
N LEU B 194 -20.02 -4.16 -26.99
CA LEU B 194 -19.35 -4.41 -25.72
C LEU B 194 -18.21 -5.41 -25.87
N LEU B 195 -18.47 -6.48 -26.62
CA LEU B 195 -17.46 -7.51 -26.83
C LEU B 195 -16.28 -7.02 -27.66
N ARG B 196 -16.53 -6.10 -28.58
CA ARG B 196 -15.45 -5.48 -29.34
C ARG B 196 -14.61 -4.56 -28.46
N GLU B 197 -15.27 -3.76 -27.64
CA GLU B 197 -14.57 -2.87 -26.72
C GLU B 197 -13.77 -3.67 -25.69
N LEU B 198 -14.36 -4.76 -25.22
CA LEU B 198 -13.67 -5.64 -24.29
C LEU B 198 -12.39 -6.21 -24.87
N GLU B 199 -12.44 -6.67 -26.11
CA GLU B 199 -11.24 -7.20 -26.76
C GLU B 199 -10.15 -6.13 -26.84
N ALA B 200 -10.56 -4.92 -27.22
CA ALA B 200 -9.62 -3.81 -27.37
C ALA B 200 -8.90 -3.50 -26.05
N ARG B 201 -9.65 -3.44 -24.97
CA ARG B 201 -9.08 -3.10 -23.66
C ARG B 201 -8.25 -4.24 -23.08
N ILE B 202 -8.63 -5.48 -23.37
CA ILE B 202 -7.87 -6.63 -22.91
C ILE B 202 -6.52 -6.70 -23.62
N ILE B 203 -6.53 -6.47 -24.92
CA ILE B 203 -5.31 -6.46 -25.71
C ILE B 203 -4.39 -5.32 -25.30
N GLN B 204 -4.97 -4.17 -24.97
CA GLN B 204 -4.20 -3.05 -24.42
C GLN B 204 -3.58 -3.42 -23.09
N TRP B 205 -4.34 -4.13 -22.26
CA TRP B 205 -3.86 -4.59 -20.96
C TRP B 205 -2.75 -5.62 -21.12
N ARG B 206 -2.95 -6.54 -22.07
CA ARG B 206 -2.00 -7.61 -22.31
CA ARG B 206 -2.01 -7.61 -22.32
C ARG B 206 -0.66 -7.08 -22.81
N ASN B 207 -0.70 -6.21 -23.81
CA ASN B 207 0.51 -5.66 -24.40
C ASN B 207 1.08 -4.48 -23.61
N ALA B 208 0.57 -4.29 -22.41
CA ALA B 208 0.97 -3.18 -21.55
C ALA B 208 0.87 -1.84 -22.26
N ASN B 209 -0.18 -1.67 -23.05
CA ASN B 209 -0.47 -0.39 -23.67
C ASN B 209 -0.68 0.63 -22.56
N PRO B 210 0.26 1.59 -22.45
N PRO B 210 0.18 1.67 -22.53
CA PRO B 210 0.47 2.37 -21.23
CA PRO B 210 0.09 2.75 -21.54
C PRO B 210 -0.64 3.36 -20.90
C PRO B 210 -1.23 3.51 -21.59
N GLN B 211 -1.47 3.71 -21.86
N GLN B 211 -2.00 3.37 -22.67
CA GLN B 211 -2.51 4.72 -21.64
CA GLN B 211 -3.25 4.10 -22.83
C GLN B 211 -3.69 4.21 -20.83
C GLN B 211 -4.38 3.48 -22.00
N LEU B 212 -3.85 2.88 -20.76
N LEU B 212 -4.02 2.90 -20.86
CA LEU B 212 -4.96 2.24 -20.03
CA LEU B 212 -5.01 2.23 -20.03
C LEU B 212 -5.16 2.84 -18.65
N ALA B 213 -4.06 2.96 -17.91
CA ALA B 213 -4.11 3.54 -16.57
C ALA B 213 -4.53 5.01 -16.62
N ALA B 214 -4.00 5.73 -17.60
CA ALA B 214 -4.34 7.14 -17.78
C ALA B 214 -5.77 7.30 -18.27
N ASP B 215 -6.16 6.46 -19.23
CA ASP B 215 -7.51 6.47 -19.75
CA ASP B 215 -7.52 6.46 -19.74
C ASP B 215 -8.53 6.20 -18.63
N TYR B 216 -8.18 5.27 -17.74
CA TYR B 216 -9.05 4.93 -16.62
C TYR B 216 -9.23 6.12 -15.69
N ARG B 217 -8.11 6.73 -15.29
CA ARG B 217 -8.15 7.84 -14.35
C ARG B 217 -8.87 9.05 -14.93
N ALA B 218 -8.87 9.16 -16.25
CA ALA B 218 -9.55 10.27 -16.92
C ALA B 218 -11.06 10.15 -16.80
N ARG B 219 -11.56 8.92 -16.80
CA ARG B 219 -13.00 8.67 -16.70
C ARG B 219 -13.38 8.25 -15.29
N SER B 220 -12.42 8.33 -14.37
CA SER B 220 -12.66 7.96 -12.98
C SER B 220 -13.45 9.03 -12.25
N LEU B 221 -14.48 8.61 -11.52
CA LEU B 221 -15.24 9.51 -10.68
C LEU B 221 -14.64 9.51 -9.28
N THR B 222 -13.71 8.59 -9.05
CA THR B 222 -13.09 8.42 -7.75
C THR B 222 -11.84 9.28 -7.57
N ILE B 223 -10.97 9.28 -8.58
CA ILE B 223 -9.73 10.06 -8.53
C ILE B 223 -10.03 11.54 -8.35
N GLY B 224 -9.40 12.15 -7.35
CA GLY B 224 -9.57 13.57 -7.09
C GLY B 224 -10.63 13.85 -6.04
N SER B 225 -11.37 12.81 -5.66
CA SER B 225 -12.45 12.97 -4.68
CA SER B 225 -12.45 12.96 -4.70
C SER B 225 -12.01 12.56 -3.29
N ARG B 226 -12.58 13.20 -2.29
CA ARG B 226 -12.43 12.73 -0.93
C ARG B 226 -13.37 11.54 -0.84
N VAL B 227 -12.85 10.40 -0.42
CA VAL B 227 -13.66 9.20 -0.41
C VAL B 227 -13.58 8.47 0.92
N ARG B 228 -14.59 7.67 1.20
CA ARG B 228 -14.56 6.75 2.31
C ARG B 228 -14.50 5.34 1.75
N VAL B 229 -13.41 4.64 2.06
CA VAL B 229 -13.25 3.26 1.60
C VAL B 229 -13.65 2.30 2.73
N GLU B 230 -14.77 1.61 2.53
CA GLU B 230 -15.28 0.70 3.55
C GLU B 230 -14.55 -0.63 3.51
N LEU B 231 -14.15 -1.11 4.68
CA LEU B 231 -13.39 -2.34 4.81
C LEU B 231 -14.05 -3.24 5.86
N PRO B 232 -13.74 -4.55 5.84
CA PRO B 232 -14.34 -5.49 6.81
C PRO B 232 -14.09 -5.08 8.26
N GLY B 233 -15.02 -5.44 9.14
CA GLY B 233 -14.87 -5.15 10.55
C GLY B 233 -14.98 -3.67 10.88
N GLY B 234 -15.63 -2.92 9.99
CA GLY B 234 -15.83 -1.49 10.20
C GLY B 234 -14.53 -0.70 10.24
N GLN B 235 -13.57 -1.13 9.43
CA GLN B 235 -12.26 -0.48 9.41
C GLN B 235 -12.10 0.46 8.23
N ASP B 236 -13.01 1.42 8.10
CA ASP B 236 -13.02 2.34 6.98
C ASP B 236 -11.85 3.32 6.99
N VAL B 237 -11.41 3.73 5.80
CA VAL B 237 -10.37 4.73 5.68
C VAL B 237 -10.85 5.88 4.79
N VAL B 238 -10.74 7.10 5.31
CA VAL B 238 -11.09 8.29 4.56
C VAL B 238 -9.85 9.01 4.06
N GLY B 239 -9.87 9.42 2.79
CA GLY B 239 -8.76 10.17 2.22
C GLY B 239 -9.09 10.69 0.84
N ILE B 240 -8.14 11.41 0.25
CA ILE B 240 -8.29 11.87 -1.12
C ILE B 240 -7.72 10.84 -2.08
N ALA B 241 -8.55 10.35 -2.99
CA ALA B 241 -8.09 9.39 -3.99
C ALA B 241 -7.17 10.08 -4.99
N ARG B 242 -5.90 9.68 -4.97
CA ARG B 242 -4.88 10.36 -5.77
C ARG B 242 -4.43 9.57 -6.99
N ASP B 243 -4.48 8.25 -6.90
CA ASP B 243 -3.94 7.41 -7.97
C ASP B 243 -4.42 5.96 -7.87
N ILE B 244 -4.25 5.22 -8.96
CA ILE B 244 -4.38 3.77 -8.96
C ILE B 244 -3.00 3.21 -9.29
N ASP B 245 -2.45 2.36 -8.43
CA ASP B 245 -1.09 1.88 -8.66
C ASP B 245 -1.01 0.80 -9.73
N ASP B 246 0.19 0.25 -9.94
CA ASP B 246 0.42 -0.72 -11.00
C ASP B 246 -0.30 -2.05 -10.73
N GLN B 247 -0.80 -2.22 -9.52
CA GLN B 247 -1.53 -3.44 -9.15
C GLN B 247 -3.03 -3.24 -9.17
N GLY B 248 -3.47 -2.04 -9.55
CA GLY B 248 -4.89 -1.73 -9.61
C GLY B 248 -5.47 -1.33 -8.26
N ARG B 249 -4.60 -0.96 -7.33
CA ARG B 249 -5.01 -0.62 -5.98
C ARG B 249 -5.19 0.89 -5.83
N LEU B 250 -6.07 1.29 -4.92
CA LEU B 250 -6.37 2.71 -4.72
C LEU B 250 -5.35 3.38 -3.81
N CYS B 251 -4.76 4.47 -4.29
CA CYS B 251 -3.79 5.24 -3.52
C CYS B 251 -4.45 6.47 -2.93
N LEU B 252 -4.49 6.54 -1.60
CA LEU B 252 -5.13 7.64 -0.89
C LEU B 252 -4.13 8.59 -0.26
N ASP B 253 -4.46 9.87 -0.27
CA ASP B 253 -3.79 10.84 0.59
C ASP B 253 -4.54 10.86 1.91
N VAL B 254 -3.88 10.38 2.97
CA VAL B 254 -4.46 10.40 4.29
C VAL B 254 -3.57 11.21 5.24
N GLY B 255 -4.02 12.42 5.57
CA GLY B 255 -3.27 13.27 6.47
C GLY B 255 -1.91 13.67 5.92
N GLY B 256 -1.77 13.69 4.61
CA GLY B 256 -0.53 14.12 3.99
C GLY B 256 0.40 13.00 3.57
N ARG B 257 0.01 11.76 3.87
CA ARG B 257 0.83 10.60 3.50
C ARG B 257 0.00 9.53 2.80
N THR B 258 0.67 8.65 2.05
CA THR B 258 -0.02 7.68 1.21
C THR B 258 -0.48 6.42 1.94
N VAL B 259 -1.75 6.06 1.73
CA VAL B 259 -2.28 4.78 2.16
C VAL B 259 -2.85 4.05 0.94
N VAL B 260 -2.44 2.80 0.75
CA VAL B 260 -2.90 2.02 -0.39
C VAL B 260 -3.88 0.95 0.04
N VAL B 261 -4.98 0.82 -0.70
CA VAL B 261 -6.00 -0.17 -0.40
C VAL B 261 -6.25 -1.08 -1.60
N SER B 262 -6.17 -2.39 -1.37
CA SER B 262 -6.27 -3.37 -2.45
C SER B 262 -7.67 -3.45 -3.06
N ALA B 263 -8.68 -3.50 -2.20
CA ALA B 263 -10.06 -3.60 -2.65
C ALA B 263 -11.02 -3.23 -1.52
N GLY B 264 -12.01 -2.41 -1.84
CA GLY B 264 -13.01 -1.99 -0.87
C GLY B 264 -14.21 -1.36 -1.55
N ASP B 265 -15.20 -0.99 -0.73
CA ASP B 265 -16.39 -0.33 -1.25
C ASP B 265 -16.29 1.17 -1.01
N VAL B 266 -16.33 1.93 -2.10
CA VAL B 266 -16.08 3.37 -2.03
C VAL B 266 -17.36 4.19 -1.96
N VAL B 267 -17.38 5.15 -1.03
CA VAL B 267 -18.39 6.20 -1.02
C VAL B 267 -17.73 7.51 -1.36
N HIS B 268 -18.17 8.14 -2.44
CA HIS B 268 -17.67 9.46 -2.80
C HIS B 268 -18.25 10.48 -1.85
N LEU B 269 -17.38 11.15 -1.10
CA LEU B 269 -17.84 12.16 -0.17
C LEU B 269 -18.03 13.51 -0.87
N ARG B 270 -18.98 13.53 -1.79
CA ARG B 270 -19.34 14.74 -2.53
C ARG B 270 -20.85 14.95 -2.51
#